data_3SNS
#
_entry.id   3SNS
#
_cell.length_a   78.850
_cell.length_b   78.850
_cell.length_c   52.900
_cell.angle_alpha   90.00
_cell.angle_beta   90.00
_cell.angle_gamma   120.00
#
_symmetry.space_group_name_H-M   'H 3'
#
loop_
_entity.id
_entity.type
_entity.pdbx_description
1 polymer 'Lipoprotein 34'
2 non-polymer 'CHLORIDE ION'
3 water water
#
_entity_poly.entity_id   1
_entity_poly.type   'polypeptide(L)'
_entity_poly.pdbx_seq_one_letter_code
;ASTTMDVQSAADDTGLPMLVVRGPFNVVWQRLPAALEKVGMKVTDSTRSQGNMAVTYKPLSDSDWQELGASDPGLASGDY
KLQVGDLDNRSSLQFIDPKGHTLTQSQNDALVAVFQAAFS
;
_entity_poly.pdbx_strand_id   A
#
loop_
_chem_comp.id
_chem_comp.type
_chem_comp.name
_chem_comp.formula
CL non-polymer 'CHLORIDE ION' 'Cl -1'
#
# COMPACT_ATOMS: atom_id res chain seq x y z
N ALA A 1 -13.40 -0.17 -19.80
CA ALA A 1 -13.03 -0.24 -18.37
C ALA A 1 -11.75 0.56 -18.06
N SER A 2 -11.42 0.68 -16.79
CA SER A 2 -10.37 1.60 -16.38
C SER A 2 -9.12 0.86 -15.94
N THR A 3 -8.08 1.61 -15.63
CA THR A 3 -6.86 1.05 -15.08
C THR A 3 -6.89 0.76 -13.57
N THR A 4 -7.97 1.09 -12.89
CA THR A 4 -8.08 0.75 -11.44
C THR A 4 -7.91 -0.75 -11.19
N MET A 5 -7.36 -1.09 -10.04
CA MET A 5 -7.27 -2.49 -9.64
C MET A 5 -7.99 -2.58 -8.32
N ASP A 6 -8.82 -3.61 -8.15
CA ASP A 6 -9.55 -3.81 -6.89
C ASP A 6 -8.60 -4.05 -5.71
N VAL A 7 -8.92 -3.49 -4.54
CA VAL A 7 -8.10 -3.62 -3.33
C VAL A 7 -9.03 -3.97 -2.17
N GLN A 8 -8.62 -4.96 -1.37
CA GLN A 8 -9.44 -5.42 -0.24
C GLN A 8 -8.57 -5.64 0.97
N SER A 9 -9.11 -5.47 2.16
CA SER A 9 -8.39 -5.80 3.39
C SER A 9 -8.48 -7.31 3.66
N ALA A 10 -7.43 -7.86 4.24
CA ALA A 10 -7.38 -9.29 4.54
C ALA A 10 -6.44 -9.56 5.70
N ALA A 11 -6.30 -10.83 6.07
CA ALA A 11 -5.30 -11.20 7.09
C ALA A 11 -4.38 -12.25 6.52
N ASP A 12 -3.16 -12.24 7.01
CA ASP A 12 -2.20 -13.24 6.58
C ASP A 12 -2.43 -14.55 7.35
N ASP A 13 -1.58 -15.53 7.12
CA ASP A 13 -1.78 -16.85 7.78
C ASP A 13 -1.49 -16.92 9.29
N THR A 14 -1.09 -15.81 9.88
CA THR A 14 -0.92 -15.67 11.33
C THR A 14 -1.95 -14.72 11.92
N GLY A 15 -2.81 -14.19 11.07
CA GLY A 15 -3.87 -13.29 11.50
C GLY A 15 -3.62 -11.80 11.48
N LEU A 16 -2.51 -11.40 10.87
CA LEU A 16 -2.14 -10.02 10.86
C LEU A 16 -2.65 -9.34 9.58
N PRO A 17 -2.95 -8.03 9.66
CA PRO A 17 -3.59 -7.33 8.52
C PRO A 17 -2.67 -7.20 7.29
N MET A 18 -3.28 -7.35 6.13
CA MET A 18 -2.62 -6.99 4.89
C MET A 18 -3.68 -6.63 3.86
N LEU A 19 -3.25 -6.06 2.75
CA LEU A 19 -4.13 -5.74 1.67
C LEU A 19 -3.97 -6.83 0.62
N VAL A 20 -5.05 -7.14 -0.08
CA VAL A 20 -4.96 -7.99 -1.27
C VAL A 20 -5.41 -7.18 -2.49
N VAL A 21 -4.60 -7.20 -3.55
CA VAL A 21 -4.87 -6.39 -4.75
C VAL A 21 -5.10 -7.33 -5.92
N ARG A 22 -6.05 -6.99 -6.80
CA ARG A 22 -6.47 -7.94 -7.80
C ARG A 22 -5.63 -7.83 -9.09
N GLY A 23 -4.36 -8.23 -8.98
CA GLY A 23 -3.52 -8.49 -10.17
C GLY A 23 -2.27 -9.18 -9.69
N PRO A 24 -1.59 -9.86 -10.61
CA PRO A 24 -0.43 -10.69 -10.27
C PRO A 24 0.77 -9.85 -9.79
N PHE A 25 1.74 -10.50 -9.16
CA PHE A 25 2.93 -9.83 -8.65
C PHE A 25 3.60 -8.98 -9.73
N ASN A 26 3.80 -9.54 -10.93
CA ASN A 26 4.47 -8.76 -11.96
C ASN A 26 3.77 -7.43 -12.25
N VAL A 27 2.44 -7.39 -12.24
CA VAL A 27 1.74 -6.14 -12.48
C VAL A 27 1.77 -5.18 -11.28
N VAL A 28 1.48 -5.70 -10.09
CA VAL A 28 1.42 -4.84 -8.93
C VAL A 28 2.84 -4.30 -8.59
N TRP A 29 3.88 -5.12 -8.71
CA TRP A 29 5.26 -4.63 -8.47
C TRP A 29 5.56 -3.46 -9.38
N GLN A 30 5.23 -3.59 -10.67
CA GLN A 30 5.59 -2.51 -11.62
C GLN A 30 4.77 -1.25 -11.41
N ARG A 31 3.52 -1.40 -11.02
CA ARG A 31 2.64 -0.25 -10.84
C ARG A 31 2.94 0.53 -9.55
N LEU A 32 3.46 -0.19 -8.53
CA LEU A 32 3.58 0.37 -7.19
C LEU A 32 4.34 1.71 -7.08
N PRO A 33 5.52 1.85 -7.68
CA PRO A 33 6.26 3.10 -7.36
C PRO A 33 5.47 4.35 -7.73
N ALA A 34 4.84 4.37 -8.91
CA ALA A 34 4.11 5.59 -9.30
C ALA A 34 2.79 5.73 -8.53
N ALA A 35 2.15 4.60 -8.20
CA ALA A 35 0.96 4.65 -7.38
C ALA A 35 1.23 5.15 -5.95
N LEU A 36 2.31 4.63 -5.38
CA LEU A 36 2.76 5.04 -4.03
C LEU A 36 3.06 6.53 -3.99
N GLU A 37 3.69 7.07 -5.04
CA GLU A 37 4.02 8.49 -5.05
C GLU A 37 2.78 9.35 -4.88
N LYS A 38 1.67 8.89 -5.43
CA LYS A 38 0.43 9.68 -5.37
C LYS A 38 -0.07 9.83 -3.95
N VAL A 39 0.31 8.90 -3.09
CA VAL A 39 -0.22 8.90 -1.73
C VAL A 39 0.88 9.23 -0.72
N GLY A 40 1.96 9.87 -1.19
CA GLY A 40 2.98 10.42 -0.31
C GLY A 40 4.01 9.40 0.11
N MET A 41 4.06 8.27 -0.59
CA MET A 41 5.03 7.21 -0.29
C MET A 41 6.10 7.18 -1.34
N LYS A 42 7.33 7.46 -0.93
CA LYS A 42 8.49 7.47 -1.81
C LYS A 42 9.25 6.14 -1.67
N VAL A 43 9.49 5.43 -2.78
CA VAL A 43 10.34 4.21 -2.71
C VAL A 43 11.83 4.60 -2.66
N THR A 44 12.50 4.26 -1.55
CA THR A 44 13.91 4.67 -1.38
C THR A 44 14.88 3.52 -1.75
N ASP A 45 14.39 2.29 -1.79
CA ASP A 45 15.23 1.09 -2.07
C ASP A 45 14.19 -0.02 -2.33
N SER A 46 14.58 -1.02 -3.12
CA SER A 46 13.70 -2.18 -3.34
C SER A 46 14.50 -3.38 -3.77
N THR A 47 13.94 -4.55 -3.49
CA THR A 47 14.50 -5.82 -3.96
C THR A 47 13.37 -6.65 -4.52
N ARG A 48 13.27 -6.70 -5.85
CA ARG A 48 12.18 -7.45 -6.46
C ARG A 48 12.25 -8.95 -6.19
N SER A 49 13.47 -9.51 -6.15
CA SER A 49 13.50 -10.95 -5.84
C SER A 49 13.00 -11.37 -4.47
N GLN A 50 13.10 -10.44 -3.50
CA GLN A 50 12.58 -10.67 -2.15
C GLN A 50 11.22 -10.05 -1.95
N GLY A 51 10.71 -9.33 -2.95
CA GLY A 51 9.39 -8.75 -2.83
C GLY A 51 9.31 -7.53 -1.88
N ASN A 52 10.40 -6.87 -1.57
CA ASN A 52 10.38 -5.86 -0.54
C ASN A 52 10.74 -4.47 -1.06
N MET A 53 9.94 -3.48 -0.63
CA MET A 53 10.19 -2.07 -0.94
C MET A 53 10.33 -1.31 0.35
N ALA A 54 11.35 -0.45 0.43
CA ALA A 54 11.46 0.47 1.55
C ALA A 54 10.84 1.78 1.10
N VAL A 55 9.92 2.28 1.93
CA VAL A 55 9.17 3.49 1.63
C VAL A 55 9.31 4.49 2.75
N THR A 56 9.38 5.75 2.33
CA THR A 56 9.26 6.83 3.31
C THR A 56 7.98 7.60 3.03
N TYR A 57 7.17 7.71 4.08
CA TYR A 57 5.84 8.27 3.93
C TYR A 57 5.71 9.69 4.50
N LYS A 58 5.23 10.60 3.65
CA LYS A 58 4.96 11.99 4.05
C LYS A 58 3.47 12.13 3.78
N PRO A 59 2.64 12.26 4.83
CA PRO A 59 1.20 12.39 4.61
C PRO A 59 0.81 13.61 3.79
N LEU A 60 -0.23 13.44 3.03
CA LEU A 60 -0.75 14.57 2.24
C LEU A 60 -1.35 15.64 3.16
N SER A 61 -1.38 16.89 2.72
CA SER A 61 -2.22 17.91 3.38
C SER A 61 -3.69 17.47 3.33
N ASP A 62 -4.49 18.04 4.21
CA ASP A 62 -5.92 17.81 4.26
C ASP A 62 -6.57 18.03 2.87
N SER A 63 -6.16 19.09 2.17
CA SER A 63 -6.72 19.39 0.84
CA SER A 63 -6.71 19.38 0.83
C SER A 63 -6.26 18.38 -0.22
N ASP A 64 -5.02 17.91 -0.13
CA ASP A 64 -4.56 16.94 -1.10
C ASP A 64 -5.23 15.60 -0.90
N TRP A 65 -5.46 15.18 0.35
CA TRP A 65 -6.23 13.95 0.54
C TRP A 65 -7.59 14.14 -0.13
N GLN A 66 -8.19 15.32 0.04
CA GLN A 66 -9.46 15.61 -0.62
C GLN A 66 -9.38 15.44 -2.15
N GLU A 67 -8.34 15.99 -2.78
CA GLU A 67 -8.17 15.83 -4.23
C GLU A 67 -8.07 14.36 -4.63
N LEU A 68 -7.29 13.59 -3.87
CA LEU A 68 -7.06 12.16 -4.14
C LEU A 68 -8.38 11.38 -4.02
N GLY A 69 -9.16 11.75 -2.99
CA GLY A 69 -10.45 11.10 -2.72
C GLY A 69 -10.35 10.02 -1.63
N ALA A 70 -9.54 10.27 -0.60
CA ALA A 70 -9.51 9.43 0.58
C ALA A 70 -8.94 10.32 1.68
N SER A 71 -9.35 10.10 2.93
CA SER A 71 -8.80 10.90 4.02
C SER A 71 -7.57 10.24 4.68
N ASP A 72 -6.90 11.01 5.53
CA ASP A 72 -5.64 10.61 6.09
C ASP A 72 -5.84 9.29 6.80
N PRO A 73 -5.10 8.24 6.42
CA PRO A 73 -5.48 6.88 6.84
C PRO A 73 -5.02 6.60 8.24
N GLY A 74 -4.41 7.61 8.88
CA GLY A 74 -3.91 7.50 10.25
C GLY A 74 -2.62 6.72 10.36
N LEU A 75 -1.84 6.66 9.28
CA LEU A 75 -0.49 6.15 9.37
C LEU A 75 0.46 7.25 9.90
N ALA A 76 1.39 6.85 10.77
CA ALA A 76 2.44 7.76 11.22
C ALA A 76 3.41 8.08 10.06
N SER A 77 3.82 9.33 9.92
CA SER A 77 4.87 9.69 8.99
C SER A 77 6.12 8.89 9.30
N GLY A 78 6.91 8.63 8.28
CA GLY A 78 8.22 8.04 8.45
C GLY A 78 8.34 6.79 7.59
N ASP A 79 9.24 5.92 8.00
CA ASP A 79 9.66 4.77 7.19
C ASP A 79 8.77 3.57 7.41
N TYR A 80 8.50 2.89 6.29
CA TYR A 80 7.82 1.60 6.32
C TYR A 80 8.55 0.63 5.38
N LYS A 81 8.32 -0.66 5.58
CA LYS A 81 8.67 -1.66 4.58
C LYS A 81 7.40 -2.21 4.04
N LEU A 82 7.33 -2.38 2.72
CA LEU A 82 6.17 -2.90 2.06
C LEU A 82 6.57 -4.21 1.43
N GLN A 83 5.90 -5.28 1.83
CA GLN A 83 6.13 -6.61 1.29
C GLN A 83 5.06 -7.02 0.33
N VAL A 84 5.46 -7.31 -0.89
CA VAL A 84 4.57 -7.64 -2.00
C VAL A 84 4.56 -9.12 -2.32
N GLY A 85 3.45 -9.78 -1.97
CA GLY A 85 3.41 -11.22 -2.07
C GLY A 85 2.71 -11.71 -3.31
N ASP A 86 3.21 -12.84 -3.78
CA ASP A 86 2.67 -13.51 -4.92
C ASP A 86 1.48 -14.42 -4.54
N LEU A 87 0.27 -14.00 -4.93
CA LEU A 87 -0.94 -14.83 -4.71
C LEU A 87 -1.60 -15.18 -6.06
N ASP A 88 -0.75 -15.54 -7.01
N ASP A 88 -0.75 -15.54 -7.01
CA ASP A 88 -1.18 -15.97 -8.35
C ASP A 88 -1.80 -14.82 -9.16
C ASP A 88 -1.80 -14.82 -9.16
N ASN A 89 -3.13 -14.77 -9.24
CA ASN A 89 -3.83 -13.66 -9.93
C ASN A 89 -3.98 -12.41 -9.06
N ARG A 90 -3.68 -12.58 -7.77
CA ARG A 90 -3.72 -11.48 -6.82
C ARG A 90 -2.34 -11.30 -6.22
N SER A 91 -2.18 -10.18 -5.52
CA SER A 91 -0.95 -9.87 -4.81
C SER A 91 -1.32 -9.41 -3.43
N SER A 92 -0.45 -9.70 -2.46
CA SER A 92 -0.66 -9.12 -1.15
C SER A 92 0.27 -7.95 -0.93
N LEU A 93 -0.20 -6.99 -0.16
CA LEU A 93 0.65 -5.85 0.27
C LEU A 93 0.56 -5.84 1.78
N GLN A 94 1.71 -5.95 2.45
CA GLN A 94 1.70 -5.86 3.90
C GLN A 94 2.76 -4.84 4.31
N PHE A 95 2.30 -3.81 5.00
CA PHE A 95 3.17 -2.78 5.55
C PHE A 95 3.61 -3.09 6.93
N ILE A 96 4.88 -2.86 7.19
CA ILE A 96 5.44 -2.93 8.55
C ILE A 96 6.17 -1.64 8.85
N ASP A 97 6.11 -1.22 10.12
CA ASP A 97 7.12 -0.26 10.62
C ASP A 97 8.52 -0.87 10.80
N PRO A 98 9.52 -0.01 11.08
CA PRO A 98 10.87 -0.55 11.07
C PRO A 98 11.15 -1.53 12.23
N LYS A 99 10.24 -1.57 13.22
CA LYS A 99 10.33 -2.51 14.34
C LYS A 99 9.65 -3.84 14.00
N GLY A 100 9.07 -3.92 12.80
CA GLY A 100 8.47 -5.14 12.32
C GLY A 100 6.98 -5.18 12.61
N HIS A 101 6.48 -4.13 13.27
CA HIS A 101 5.01 -4.04 13.55
C HIS A 101 4.13 -3.79 12.34
N THR A 102 3.13 -4.63 12.20
CA THR A 102 2.15 -4.50 11.16
C THR A 102 1.16 -3.41 11.54
N LEU A 103 0.43 -2.93 10.54
CA LEU A 103 -0.60 -1.90 10.76
C LEU A 103 -1.72 -2.46 11.63
N THR A 104 -2.48 -1.57 12.28
CA THR A 104 -3.72 -2.00 12.94
C THR A 104 -4.77 -2.33 11.87
N GLN A 105 -5.79 -3.08 12.27
CA GLN A 105 -6.85 -3.43 11.35
C GLN A 105 -7.51 -2.16 10.78
N SER A 106 -7.70 -1.17 11.64
CA SER A 106 -8.24 0.14 11.24
C SER A 106 -7.37 0.91 10.23
N GLN A 107 -6.05 0.96 10.44
CA GLN A 107 -5.16 1.59 9.47
C GLN A 107 -5.20 0.83 8.15
N ASN A 108 -5.07 -0.49 8.24
CA ASN A 108 -5.05 -1.31 7.05
C ASN A 108 -6.36 -1.17 6.28
N ASP A 109 -7.48 -1.13 7.04
CA ASP A 109 -8.81 -0.88 6.46
C ASP A 109 -8.84 0.48 5.76
N ALA A 110 -8.33 1.52 6.43
CA ALA A 110 -8.25 2.89 5.84
C ALA A 110 -7.44 3.01 4.56
N LEU A 111 -6.45 2.13 4.40
CA LEU A 111 -5.59 2.12 3.22
C LEU A 111 -6.26 1.50 2.01
N VAL A 112 -7.42 0.89 2.18
CA VAL A 112 -8.10 0.27 1.03
C VAL A 112 -8.52 1.39 0.02
N ALA A 113 -9.24 2.41 0.53
CA ALA A 113 -9.63 3.59 -0.25
C ALA A 113 -8.45 4.36 -0.82
N VAL A 114 -7.39 4.47 -0.02
CA VAL A 114 -6.19 5.18 -0.42
C VAL A 114 -5.55 4.52 -1.66
N PHE A 115 -5.43 3.20 -1.62
CA PHE A 115 -4.83 2.47 -2.72
C PHE A 115 -5.73 2.26 -3.92
N GLN A 116 -7.06 2.21 -3.68
CA GLN A 116 -7.94 2.25 -4.84
C GLN A 116 -7.81 3.60 -5.56
N ALA A 117 -7.63 4.68 -4.80
CA ALA A 117 -7.41 5.98 -5.45
C ALA A 117 -6.06 6.04 -6.19
N ALA A 118 -5.01 5.55 -5.53
CA ALA A 118 -3.67 5.60 -6.09
C ALA A 118 -3.60 4.85 -7.44
N PHE A 119 -4.23 3.68 -7.52
CA PHE A 119 -4.19 2.90 -8.76
C PHE A 119 -5.08 3.47 -9.88
N SER A 120 -6.02 4.36 -9.53
CA SER A 120 -6.88 4.99 -10.53
C SER A 120 -6.18 6.11 -11.27
CL CL B . 10.37 14.80 -1.46
CL CL C . 12.41 -3.58 -9.73
#